data_1JCM
#
_entry.id   1JCM
#
_cell.length_a   81.638
_cell.length_b   81.638
_cell.length_c   156.745
_cell.angle_alpha   90.00
_cell.angle_beta   90.00
_cell.angle_gamma   120.00
#
_symmetry.space_group_name_H-M   'P 63 2 2'
#
loop_
_entity.id
_entity.type
_entity.pdbx_description
1 polymer 'INDOLE-3-GLYCEROL-PHOSPHATE SYNTHASE'
2 non-polymer 'PHOSPHATE ION'
3 non-polymer 1-(O-CARBOXY-PHENYLAMINO)-1-DEOXY-D-RIBULOSE-5-PHOSPHATE
4 water water
#
_entity_poly.entity_id   1
_entity_poly.type   'polypeptide(L)'
_entity_poly.pdbx_seq_one_letter_code
;MQCVLAKIVADKAIWVEARKQQQPLASFQNEVQPSTRHFYDALQGARTAFILECKKASPSKGVIRDDFDPARIAAIYKHY
ASAISVLTDEKYFQGSFNFLPIVSQIAPQPILCKDFIIDPYQIYLARYYQADACLLMLSVLDDDQYRQLAAVAHSLEMGV
LTEVSNEEEQERAIALGAKVVGINNRDLCDLSIDLNRTRELAPKLGHNVTVISESGINTYAQVRELSHFANGFLIGSALM
AHDDLHAAVRRVLLGENKV
;
_entity_poly.pdbx_strand_id   P
#
# COMPACT_ATOMS: atom_id res chain seq x y z
N MET A 1 -10.81 -24.06 -0.48
CA MET A 1 -11.86 -23.55 -1.42
C MET A 1 -11.19 -22.88 -2.63
N GLN A 2 -10.95 -21.58 -2.52
CA GLN A 2 -10.31 -20.82 -3.60
C GLN A 2 -9.42 -19.74 -3.03
N CYS A 3 -8.63 -19.13 -3.83
N CYS A 3 -8.59 -19.18 -3.90
CA CYS A 3 -7.71 -18.11 -3.35
CA CYS A 3 -7.68 -18.11 -3.54
C CYS A 3 -8.44 -16.99 -2.62
C CYS A 3 -8.42 -17.01 -2.78
N VAL A 4 -7.84 -16.56 -1.67
CA VAL A 4 -8.44 -15.52 -0.86
C VAL A 4 -8.55 -14.21 -1.64
N LEU A 5 -7.51 -13.87 -2.41
CA LEU A 5 -7.52 -12.65 -3.21
C LEU A 5 -8.66 -12.71 -4.22
N ALA A 6 -8.99 -13.94 -4.65
CA ALA A 6 -10.08 -14.16 -5.60
C ALA A 6 -11.37 -13.66 -5.00
N LYS A 7 -11.72 -14.17 -3.82
CA LYS A 7 -12.94 -13.77 -3.13
C LYS A 7 -12.94 -12.24 -3.02
N ILE A 8 -11.80 -11.68 -2.60
CA ILE A 8 -11.69 -10.24 -2.44
C ILE A 8 -12.11 -9.41 -3.67
N VAL A 9 -11.58 -9.75 -4.84
CA VAL A 9 -11.90 -9.01 -6.06
C VAL A 9 -13.40 -9.12 -6.38
N ALA A 10 -13.97 -10.29 -6.15
CA ALA A 10 -15.38 -10.51 -6.40
C ALA A 10 -16.12 -9.39 -5.68
N ASP A 11 -15.85 -9.29 -4.37
CA ASP A 11 -16.47 -8.30 -3.51
C ASP A 11 -16.09 -6.85 -3.83
N LYS A 12 -14.92 -6.65 -4.42
CA LYS A 12 -14.50 -5.30 -4.74
C LYS A 12 -15.33 -4.77 -5.91
N ALA A 13 -15.69 -5.66 -6.83
CA ALA A 13 -16.50 -5.28 -8.00
C ALA A 13 -17.92 -4.93 -7.54
N ILE A 14 -18.47 -5.79 -6.70
CA ILE A 14 -19.82 -5.65 -6.15
C ILE A 14 -19.88 -4.43 -5.24
N TRP A 15 -18.71 -3.98 -4.82
CA TRP A 15 -18.60 -2.84 -3.93
C TRP A 15 -18.60 -1.51 -4.69
N VAL A 16 -17.80 -1.44 -5.74
CA VAL A 16 -17.71 -0.21 -6.52
C VAL A 16 -19.08 0.16 -7.09
N GLU A 17 -19.83 -0.84 -7.53
CA GLU A 17 -21.15 -0.59 -8.08
C GLU A 17 -22.07 0.01 -7.03
N ALA A 18 -22.20 -0.67 -5.90
CA ALA A 18 -23.04 -0.18 -4.82
C ALA A 18 -22.67 1.25 -4.44
N ARG A 19 -21.54 1.73 -4.95
CA ARG A 19 -21.07 3.09 -4.69
C ARG A 19 -21.02 3.93 -5.97
N LYS A 20 -20.87 3.27 -7.11
CA LYS A 20 -20.85 3.99 -8.38
C LYS A 20 -22.28 4.45 -8.61
N GLN A 21 -23.22 3.66 -8.08
CA GLN A 21 -24.65 3.99 -8.18
C GLN A 21 -24.89 5.17 -7.25
N GLN A 22 -24.28 5.13 -6.07
CA GLN A 22 -24.42 6.18 -5.08
C GLN A 22 -23.64 7.45 -5.45
N GLN A 23 -22.33 7.33 -5.48
CA GLN A 23 -21.48 8.46 -5.78
C GLN A 23 -20.76 8.27 -7.12
N PRO A 24 -21.47 8.51 -8.24
CA PRO A 24 -20.91 8.37 -9.59
C PRO A 24 -19.76 9.36 -9.85
N LEU A 25 -18.86 9.00 -10.76
CA LEU A 25 -17.73 9.86 -11.07
C LEU A 25 -18.12 11.30 -11.38
N ALA A 26 -19.23 11.46 -12.09
CA ALA A 26 -19.74 12.77 -12.49
C ALA A 26 -20.03 13.70 -11.31
N SER A 27 -20.47 13.12 -10.19
CA SER A 27 -20.80 13.91 -9.01
C SER A 27 -19.61 14.48 -8.24
N PHE A 28 -18.42 14.45 -8.84
CA PHE A 28 -17.23 14.99 -8.19
C PHE A 28 -16.02 15.07 -9.12
N GLN A 29 -16.10 14.33 -10.23
CA GLN A 29 -15.02 14.26 -11.21
C GLN A 29 -14.14 15.49 -11.38
N ASN A 30 -14.52 16.36 -12.32
CA ASN A 30 -13.74 17.57 -12.60
C ASN A 30 -13.59 18.51 -11.40
N GLU A 31 -13.64 17.95 -10.19
CA GLU A 31 -13.51 18.72 -8.97
C GLU A 31 -12.32 18.22 -8.15
N VAL A 32 -11.68 17.17 -8.63
CA VAL A 32 -10.52 16.61 -7.93
C VAL A 32 -9.23 17.09 -8.55
N GLN A 33 -8.55 17.98 -7.84
CA GLN A 33 -7.28 18.53 -8.30
C GLN A 33 -6.17 17.49 -8.13
N PRO A 34 -5.15 17.53 -9.00
CA PRO A 34 -4.04 16.58 -8.92
C PRO A 34 -3.47 16.52 -7.51
N SER A 35 -2.59 15.54 -7.27
CA SER A 35 -1.97 15.41 -5.96
C SER A 35 -0.84 16.41 -5.78
N THR A 36 -0.92 17.17 -4.70
CA THR A 36 0.07 18.18 -4.38
C THR A 36 1.17 17.60 -3.47
N ARG A 37 1.50 16.33 -3.71
CA ARG A 37 2.52 15.63 -2.95
C ARG A 37 3.18 14.62 -3.88
N HIS A 38 4.49 14.40 -3.72
CA HIS A 38 5.14 13.45 -4.60
C HIS A 38 5.58 12.15 -3.94
N PHE A 39 4.82 11.09 -4.21
CA PHE A 39 5.04 9.74 -3.72
C PHE A 39 6.40 9.24 -4.23
N TYR A 40 6.54 9.20 -5.56
CA TYR A 40 7.78 8.74 -6.22
C TYR A 40 9.05 9.32 -5.62
N ASP A 41 9.05 10.64 -5.39
CA ASP A 41 10.20 11.32 -4.84
C ASP A 41 10.44 10.86 -3.40
N ALA A 42 9.39 10.86 -2.61
CA ALA A 42 9.48 10.47 -1.20
C ALA A 42 10.17 9.14 -0.90
N LEU A 43 10.24 8.26 -1.90
CA LEU A 43 10.85 6.95 -1.72
C LEU A 43 12.26 6.84 -2.31
N GLN A 44 12.76 7.95 -2.86
CA GLN A 44 14.09 7.99 -3.46
C GLN A 44 15.16 8.18 -2.38
N GLY A 45 16.38 7.71 -2.64
CA GLY A 45 17.45 7.86 -1.66
C GLY A 45 18.19 6.56 -1.34
N ALA A 46 19.34 6.68 -0.67
CA ALA A 46 20.14 5.52 -0.30
C ALA A 46 19.72 5.05 1.10
N ARG A 47 18.89 5.85 1.74
CA ARG A 47 18.37 5.56 3.06
C ARG A 47 17.07 4.77 3.02
N THR A 48 17.00 3.72 3.83
CA THR A 48 15.81 2.88 3.88
C THR A 48 14.55 3.71 4.10
N ALA A 49 13.62 3.58 3.15
CA ALA A 49 12.35 4.30 3.18
C ALA A 49 11.26 3.47 3.84
N PHE A 50 10.48 4.10 4.71
CA PHE A 50 9.41 3.43 5.41
C PHE A 50 8.01 3.88 5.02
N ILE A 51 7.16 2.90 4.74
CA ILE A 51 5.77 3.14 4.38
C ILE A 51 4.95 2.53 5.53
N LEU A 52 4.57 3.36 6.49
CA LEU A 52 3.81 2.89 7.64
C LEU A 52 2.34 2.81 7.27
N GLU A 53 1.69 1.73 7.67
CA GLU A 53 0.29 1.51 7.33
C GLU A 53 -0.71 1.54 8.46
N CYS A 54 -1.85 2.17 8.20
CA CYS A 54 -2.95 2.26 9.15
C CYS A 54 -3.92 1.18 8.73
N LYS A 55 -3.98 0.12 9.52
CA LYS A 55 -4.83 -0.99 9.22
C LYS A 55 -5.50 -1.40 10.53
N LYS A 56 -6.77 -1.80 10.45
CA LYS A 56 -7.51 -2.20 11.64
C LYS A 56 -7.71 -3.72 11.72
N ALA A 57 -7.88 -4.36 10.57
CA ALA A 57 -8.06 -5.81 10.53
C ALA A 57 -7.65 -6.39 9.18
N SER A 58 -7.49 -7.71 9.11
CA SER A 58 -7.10 -8.33 7.85
C SER A 58 -7.54 -9.78 7.79
N PRO A 59 -7.61 -10.36 6.58
CA PRO A 59 -8.02 -11.74 6.38
C PRO A 59 -7.13 -12.69 7.17
N SER A 60 -5.84 -12.35 7.21
CA SER A 60 -4.86 -13.18 7.90
C SER A 60 -4.86 -13.12 9.41
N LYS A 61 -5.22 -11.97 9.99
CA LYS A 61 -5.19 -11.87 11.46
C LYS A 61 -6.46 -11.42 12.16
N GLY A 62 -7.52 -11.16 11.39
CA GLY A 62 -8.75 -10.71 11.99
C GLY A 62 -8.58 -9.28 12.47
N VAL A 63 -9.24 -8.92 13.57
CA VAL A 63 -9.13 -7.57 14.11
C VAL A 63 -7.78 -7.44 14.79
N ILE A 64 -7.03 -6.43 14.36
CA ILE A 64 -5.67 -6.12 14.83
C ILE A 64 -5.63 -5.02 15.88
N ARG A 65 -6.19 -3.86 15.53
CA ARG A 65 -6.23 -2.70 16.42
C ARG A 65 -7.63 -2.66 17.02
N ASP A 66 -7.79 -3.30 18.18
CA ASP A 66 -9.06 -3.35 18.87
C ASP A 66 -9.64 -1.95 19.02
N ASP A 67 -8.76 -0.96 19.20
CA ASP A 67 -9.15 0.46 19.34
C ASP A 67 -8.52 1.29 18.22
N PHE A 68 -9.16 1.30 17.06
CA PHE A 68 -8.65 2.04 15.89
C PHE A 68 -8.96 3.54 16.00
N ASP A 69 -8.12 4.34 15.35
CA ASP A 69 -8.26 5.78 15.38
C ASP A 69 -7.22 6.37 14.43
N PRO A 70 -7.56 6.48 13.14
CA PRO A 70 -6.64 7.03 12.14
C PRO A 70 -6.08 8.40 12.47
N ALA A 71 -6.63 9.04 13.50
CA ALA A 71 -6.18 10.36 13.92
C ALA A 71 -4.89 10.24 14.73
N ARG A 72 -4.93 9.46 15.81
CA ARG A 72 -3.78 9.23 16.67
C ARG A 72 -2.62 8.50 15.96
N ILE A 73 -2.97 7.61 15.03
CA ILE A 73 -1.97 6.83 14.28
C ILE A 73 -1.10 7.74 13.42
N ALA A 74 -1.73 8.58 12.60
CA ALA A 74 -0.97 9.50 11.76
C ALA A 74 -0.19 10.46 12.66
N ALA A 75 -0.73 10.72 13.86
CA ALA A 75 -0.08 11.62 14.81
C ALA A 75 1.28 11.07 15.21
N ILE A 76 1.45 9.76 15.04
CA ILE A 76 2.71 9.12 15.35
C ILE A 76 3.50 8.80 14.06
N TYR A 77 2.86 8.10 13.13
CA TYR A 77 3.50 7.75 11.85
C TYR A 77 4.16 8.93 11.13
N LYS A 78 3.77 10.15 11.50
CA LYS A 78 4.30 11.36 10.86
C LYS A 78 5.74 11.73 11.20
N HIS A 79 6.23 11.26 12.35
CA HIS A 79 7.59 11.57 12.77
C HIS A 79 8.65 10.68 12.10
N TYR A 80 8.20 9.65 11.39
CA TYR A 80 9.12 8.69 10.78
C TYR A 80 8.87 8.30 9.32
N ALA A 81 7.61 8.12 8.95
CA ALA A 81 7.24 7.69 7.60
C ALA A 81 7.74 8.52 6.41
N SER A 82 7.98 7.83 5.31
CA SER A 82 8.39 8.44 4.05
C SER A 82 7.05 8.62 3.34
N ALA A 83 6.16 7.67 3.59
CA ALA A 83 4.81 7.64 3.04
C ALA A 83 3.91 6.93 4.04
N ILE A 84 2.60 7.14 3.94
CA ILE A 84 1.66 6.48 4.86
C ILE A 84 0.58 5.78 4.05
N SER A 85 0.43 4.48 4.31
CA SER A 85 -0.56 3.67 3.61
C SER A 85 -1.84 3.58 4.43
N VAL A 86 -2.97 3.55 3.73
CA VAL A 86 -4.28 3.47 4.37
C VAL A 86 -5.19 2.51 3.64
N LEU A 87 -5.59 1.42 4.31
CA LEU A 87 -6.51 0.46 3.70
C LEU A 87 -7.85 1.16 3.59
N THR A 88 -8.37 1.23 2.37
CA THR A 88 -9.65 1.88 2.14
C THR A 88 -10.69 0.82 1.81
N ASP A 89 -10.41 -0.41 2.24
CA ASP A 89 -11.30 -1.54 2.02
C ASP A 89 -11.97 -1.83 3.35
N GLU A 90 -13.30 -1.76 3.38
CA GLU A 90 -14.06 -1.96 4.60
C GLU A 90 -14.32 -3.43 4.93
N LYS A 91 -14.85 -4.18 3.97
CA LYS A 91 -15.18 -5.58 4.17
C LYS A 91 -14.09 -6.52 4.65
N TYR A 92 -12.84 -6.27 4.25
CA TYR A 92 -11.74 -7.15 4.64
C TYR A 92 -10.75 -6.63 5.66
N PHE A 93 -10.55 -5.32 5.69
CA PHE A 93 -9.62 -4.73 6.62
C PHE A 93 -10.27 -3.63 7.46
N GLN A 94 -11.58 -3.46 7.25
CA GLN A 94 -12.36 -2.45 7.96
C GLN A 94 -11.80 -1.07 7.70
N GLY A 95 -11.37 -0.86 6.46
CA GLY A 95 -10.84 0.43 6.06
C GLY A 95 -11.96 1.34 5.56
N SER A 96 -11.63 2.57 5.24
CA SER A 96 -12.64 3.51 4.78
C SER A 96 -12.01 4.71 4.09
N PHE A 97 -12.54 5.04 2.91
CA PHE A 97 -12.07 6.17 2.12
C PHE A 97 -11.99 7.50 2.86
N ASN A 98 -12.72 7.61 3.96
CA ASN A 98 -12.72 8.84 4.73
C ASN A 98 -11.49 8.95 5.61
N PHE A 99 -10.87 7.82 5.91
CA PHE A 99 -9.66 7.81 6.71
C PHE A 99 -8.58 8.55 5.94
N LEU A 100 -8.57 8.39 4.62
CA LEU A 100 -7.58 9.06 3.79
C LEU A 100 -7.45 10.54 4.15
N PRO A 101 -8.54 11.33 4.03
CA PRO A 101 -8.46 12.75 4.36
C PRO A 101 -8.04 12.97 5.81
N ILE A 102 -8.58 12.14 6.70
CA ILE A 102 -8.28 12.24 8.12
C ILE A 102 -6.77 12.25 8.37
N VAL A 103 -6.05 11.50 7.54
CA VAL A 103 -4.60 11.40 7.67
C VAL A 103 -3.89 12.48 6.85
N SER A 104 -4.28 12.63 5.58
CA SER A 104 -3.65 13.62 4.70
C SER A 104 -3.53 14.99 5.35
N GLN A 105 -4.32 15.23 6.39
CA GLN A 105 -4.29 16.51 7.10
C GLN A 105 -3.41 16.48 8.34
N ILE A 106 -3.40 15.35 9.03
CA ILE A 106 -2.60 15.22 10.23
C ILE A 106 -1.16 14.80 9.88
N ALA A 107 -0.96 14.24 8.68
CA ALA A 107 0.38 13.83 8.23
C ALA A 107 0.79 14.40 6.86
N PRO A 108 1.96 15.05 6.79
CA PRO A 108 2.55 15.68 5.60
C PRO A 108 3.13 14.75 4.53
N GLN A 109 3.37 13.50 4.87
CA GLN A 109 3.90 12.57 3.88
C GLN A 109 2.84 12.20 2.85
N PRO A 110 3.27 11.82 1.64
CA PRO A 110 2.32 11.44 0.59
C PRO A 110 1.46 10.27 1.06
N ILE A 111 0.14 10.36 0.93
CA ILE A 111 -0.75 9.28 1.35
C ILE A 111 -1.00 8.23 0.25
N LEU A 112 -0.89 6.96 0.62
CA LEU A 112 -1.10 5.86 -0.32
C LEU A 112 -2.41 5.12 -0.04
N CYS A 113 -3.23 4.98 -1.07
CA CYS A 113 -4.49 4.27 -0.90
C CYS A 113 -4.22 2.79 -1.13
N LYS A 114 -4.35 2.01 -0.06
CA LYS A 114 -4.12 0.59 -0.13
C LYS A 114 -5.45 -0.12 -0.34
N ASP A 115 -5.74 -0.44 -1.59
CA ASP A 115 -6.98 -1.13 -1.92
C ASP A 115 -6.76 -1.94 -3.19
N PHE A 116 -7.76 -2.77 -3.52
CA PHE A 116 -7.69 -3.61 -4.70
C PHE A 116 -8.34 -2.86 -5.86
N ILE A 117 -7.54 -2.02 -6.51
CA ILE A 117 -8.00 -1.20 -7.62
C ILE A 117 -8.13 -1.94 -8.95
N ILE A 118 -9.36 -2.04 -9.42
CA ILE A 118 -9.69 -2.71 -10.66
C ILE A 118 -10.57 -1.79 -11.51
N ASP A 119 -10.85 -0.60 -10.98
CA ASP A 119 -11.71 0.35 -11.67
C ASP A 119 -11.23 1.80 -11.60
N PRO A 120 -11.06 2.46 -12.77
CA PRO A 120 -10.61 3.86 -12.83
C PRO A 120 -11.41 4.76 -11.90
N TYR A 121 -12.64 4.35 -11.63
CA TYR A 121 -13.50 5.11 -10.74
C TYR A 121 -12.80 5.21 -9.39
N GLN A 122 -12.36 4.07 -8.88
CA GLN A 122 -11.67 3.98 -7.59
C GLN A 122 -10.51 4.99 -7.48
N ILE A 123 -9.68 5.06 -8.52
CA ILE A 123 -8.56 5.99 -8.54
C ILE A 123 -9.09 7.41 -8.41
N TYR A 124 -10.10 7.72 -9.22
CA TYR A 124 -10.72 9.04 -9.20
C TYR A 124 -11.31 9.28 -7.81
N LEU A 125 -11.90 8.22 -7.26
CA LEU A 125 -12.53 8.25 -5.94
C LEU A 125 -11.56 8.57 -4.80
N ALA A 126 -10.37 7.96 -4.82
CA ALA A 126 -9.35 8.16 -3.79
C ALA A 126 -8.70 9.52 -3.93
N ARG A 127 -8.43 9.94 -5.17
CA ARG A 127 -7.81 11.24 -5.42
C ARG A 127 -8.70 12.29 -4.77
N TYR A 128 -10.00 12.06 -4.83
CA TYR A 128 -11.00 12.94 -4.26
C TYR A 128 -10.80 13.08 -2.75
N TYR A 129 -10.41 11.99 -2.11
CA TYR A 129 -10.18 11.97 -0.67
C TYR A 129 -8.75 12.28 -0.27
N GLN A 130 -7.98 12.84 -1.21
CA GLN A 130 -6.59 13.22 -0.98
C GLN A 130 -5.56 12.11 -1.14
N ALA A 131 -5.94 10.99 -1.77
CA ALA A 131 -4.99 9.89 -1.96
C ALA A 131 -3.89 10.33 -2.93
N ASP A 132 -2.69 10.54 -2.39
CA ASP A 132 -1.55 10.98 -3.17
C ASP A 132 -0.98 9.91 -4.10
N ALA A 133 -1.40 8.67 -3.90
CA ALA A 133 -0.93 7.58 -4.75
C ALA A 133 -1.84 6.38 -4.57
N CYS A 134 -1.70 5.39 -5.45
CA CYS A 134 -2.53 4.19 -5.37
C CYS A 134 -1.74 2.91 -5.60
N LEU A 135 -2.36 1.77 -5.29
CA LEU A 135 -1.73 0.45 -5.49
C LEU A 135 -2.37 -0.35 -6.61
N LEU A 136 -1.56 -0.68 -7.62
CA LEU A 136 -2.01 -1.49 -8.74
C LEU A 136 -1.32 -2.84 -8.64
N MET A 137 -2.10 -3.92 -8.69
CA MET A 137 -1.59 -5.28 -8.57
C MET A 137 -1.57 -6.09 -9.87
N LEU A 138 -0.37 -6.49 -10.29
CA LEU A 138 -0.19 -7.27 -11.52
C LEU A 138 -0.77 -8.69 -11.43
N SER A 139 -1.20 -9.09 -10.24
CA SER A 139 -1.77 -10.41 -10.01
C SER A 139 -3.29 -10.32 -10.13
N VAL A 140 -3.80 -9.10 -10.23
CA VAL A 140 -5.23 -8.85 -10.34
C VAL A 140 -5.56 -8.18 -11.68
N LEU A 141 -4.52 -7.77 -12.40
CA LEU A 141 -4.70 -7.11 -13.68
C LEU A 141 -3.79 -7.71 -14.74
N ASP A 142 -3.87 -7.14 -15.94
CA ASP A 142 -3.05 -7.56 -17.06
C ASP A 142 -2.55 -6.26 -17.66
N ASP A 143 -1.49 -6.33 -18.47
CA ASP A 143 -0.87 -5.15 -19.07
C ASP A 143 -1.83 -4.03 -19.50
N ASP A 144 -2.77 -4.33 -20.38
CA ASP A 144 -3.75 -3.34 -20.84
C ASP A 144 -4.46 -2.68 -19.67
N GLN A 145 -5.00 -3.49 -18.77
CA GLN A 145 -5.69 -2.97 -17.60
C GLN A 145 -4.76 -2.04 -16.83
N TYR A 146 -3.53 -2.53 -16.58
CA TYR A 146 -2.53 -1.76 -15.85
C TYR A 146 -2.19 -0.44 -16.52
N ARG A 147 -1.94 -0.48 -17.83
CA ARG A 147 -1.60 0.73 -18.57
C ARG A 147 -2.74 1.72 -18.39
N GLN A 148 -3.96 1.23 -18.62
CA GLN A 148 -5.16 2.03 -18.49
C GLN A 148 -5.14 2.74 -17.14
N LEU A 149 -5.21 1.94 -16.08
CA LEU A 149 -5.21 2.44 -14.71
C LEU A 149 -3.96 3.27 -14.40
N ALA A 150 -2.82 2.84 -14.96
CA ALA A 150 -1.54 3.52 -14.76
C ALA A 150 -1.65 4.94 -15.31
N ALA A 151 -2.16 5.05 -16.54
CA ALA A 151 -2.33 6.34 -17.18
C ALA A 151 -3.24 7.24 -16.35
N VAL A 152 -4.36 6.69 -15.90
CA VAL A 152 -5.34 7.44 -15.09
C VAL A 152 -4.76 8.10 -13.85
N ALA A 153 -3.97 7.36 -13.09
CA ALA A 153 -3.34 7.84 -11.86
C ALA A 153 -2.29 8.90 -12.16
N HIS A 154 -1.62 8.73 -13.30
CA HIS A 154 -0.58 9.65 -13.77
C HIS A 154 -1.21 10.89 -14.36
N SER A 155 -2.53 10.97 -14.28
CA SER A 155 -3.28 12.10 -14.80
C SER A 155 -3.58 13.01 -13.64
N LEU A 156 -3.79 12.40 -12.48
CA LEU A 156 -4.12 13.12 -11.27
C LEU A 156 -2.90 13.40 -10.40
N GLU A 157 -1.71 13.29 -10.98
CA GLU A 157 -0.48 13.50 -10.23
C GLU A 157 -0.39 12.53 -9.07
N MET A 158 -0.71 11.27 -9.34
CA MET A 158 -0.68 10.22 -8.32
C MET A 158 0.37 9.14 -8.60
N GLY A 159 1.10 8.77 -7.56
CA GLY A 159 2.11 7.73 -7.70
C GLY A 159 1.46 6.36 -7.80
N VAL A 160 2.22 5.40 -8.33
CA VAL A 160 1.70 4.04 -8.48
C VAL A 160 2.64 2.95 -7.96
N LEU A 161 2.24 2.32 -6.85
CA LEU A 161 3.02 1.24 -6.28
C LEU A 161 2.60 -0.04 -6.99
N THR A 162 3.52 -0.60 -7.78
CA THR A 162 3.22 -1.81 -8.52
C THR A 162 3.58 -3.07 -7.71
N GLU A 163 2.58 -3.90 -7.45
CA GLU A 163 2.83 -5.10 -6.67
C GLU A 163 3.04 -6.36 -7.49
N VAL A 164 4.20 -7.00 -7.25
CA VAL A 164 4.61 -8.25 -7.92
C VAL A 164 4.72 -9.36 -6.88
N SER A 165 4.31 -10.58 -7.23
CA SER A 165 4.37 -11.70 -6.28
C SER A 165 5.22 -12.88 -6.75
N ASN A 166 5.61 -12.86 -8.02
CA ASN A 166 6.45 -13.91 -8.57
C ASN A 166 7.33 -13.36 -9.67
N GLU A 167 8.12 -14.24 -10.27
CA GLU A 167 9.03 -13.83 -11.31
C GLU A 167 8.35 -13.36 -12.57
N GLU A 168 7.24 -13.99 -12.92
CA GLU A 168 6.50 -13.61 -14.12
C GLU A 168 5.97 -12.20 -13.95
N GLU A 169 5.44 -11.92 -12.77
CA GLU A 169 4.91 -10.60 -12.50
C GLU A 169 6.05 -9.59 -12.48
N GLN A 170 7.18 -9.97 -11.89
CA GLN A 170 8.37 -9.10 -11.82
C GLN A 170 8.79 -8.69 -13.24
N GLU A 171 8.92 -9.69 -14.10
CA GLU A 171 9.30 -9.46 -15.49
C GLU A 171 8.32 -8.52 -16.19
N ARG A 172 7.05 -8.64 -15.82
CA ARG A 172 5.97 -7.82 -16.36
C ARG A 172 6.11 -6.37 -15.93
N ALA A 173 6.29 -6.17 -14.62
CA ALA A 173 6.44 -4.83 -14.06
C ALA A 173 7.65 -4.14 -14.70
N ILE A 174 8.59 -4.95 -15.17
CA ILE A 174 9.78 -4.44 -15.82
C ILE A 174 9.40 -4.01 -17.22
N ALA A 175 8.75 -4.92 -17.94
CA ALA A 175 8.33 -4.62 -19.31
C ALA A 175 7.44 -3.37 -19.31
N LEU A 176 6.63 -3.21 -18.26
CA LEU A 176 5.73 -2.06 -18.16
C LEU A 176 6.43 -0.79 -17.70
N GLY A 177 7.72 -0.91 -17.41
CA GLY A 177 8.50 0.23 -16.96
C GLY A 177 8.02 0.85 -15.66
N ALA A 178 7.47 0.01 -14.78
CA ALA A 178 6.95 0.47 -13.50
C ALA A 178 8.08 1.12 -12.70
N LYS A 179 7.77 2.28 -12.09
CA LYS A 179 8.77 3.01 -11.32
C LYS A 179 8.97 2.55 -9.87
N VAL A 180 7.89 2.15 -9.19
CA VAL A 180 7.99 1.68 -7.81
C VAL A 180 7.37 0.30 -7.69
N VAL A 181 8.19 -0.71 -7.52
CA VAL A 181 7.73 -2.09 -7.41
C VAL A 181 7.68 -2.59 -5.96
N GLY A 182 6.48 -2.96 -5.53
CA GLY A 182 6.32 -3.48 -4.18
C GLY A 182 6.31 -4.99 -4.35
N ILE A 183 7.22 -5.67 -3.67
CA ILE A 183 7.29 -7.14 -3.73
C ILE A 183 6.53 -7.63 -2.50
N ASN A 184 5.44 -8.38 -2.70
CA ASN A 184 4.63 -8.90 -1.59
C ASN A 184 5.09 -10.27 -1.09
N ASN A 185 5.53 -10.30 0.17
CA ASN A 185 6.01 -11.52 0.84
C ASN A 185 4.87 -12.45 1.22
N ARG A 186 3.64 -11.96 1.12
CA ARG A 186 2.50 -12.78 1.46
C ARG A 186 1.85 -13.33 0.21
N ASP A 187 1.54 -14.63 0.25
CA ASP A 187 0.88 -15.35 -0.83
C ASP A 187 -0.60 -15.08 -0.57
N LEU A 188 -1.17 -14.16 -1.34
CA LEU A 188 -2.57 -13.75 -1.18
C LEU A 188 -3.61 -14.83 -1.46
N CYS A 189 -3.16 -16.03 -1.81
CA CYS A 189 -4.07 -17.14 -2.05
C CYS A 189 -4.29 -17.83 -0.70
N ASP A 190 -3.24 -18.44 -0.17
CA ASP A 190 -3.34 -19.12 1.13
C ASP A 190 -2.86 -18.29 2.33
N LEU A 191 -2.48 -17.04 2.06
CA LEU A 191 -2.01 -16.10 3.08
C LEU A 191 -0.77 -16.53 3.84
N SER A 192 0.07 -17.30 3.18
CA SER A 192 1.31 -17.78 3.78
C SER A 192 2.35 -16.71 3.52
N ILE A 193 3.41 -16.69 4.32
CA ILE A 193 4.47 -15.70 4.17
C ILE A 193 5.83 -16.28 3.85
N ASP A 194 6.56 -15.63 2.95
CA ASP A 194 7.93 -16.01 2.58
C ASP A 194 8.72 -14.77 2.18
N LEU A 195 9.53 -14.27 3.13
CA LEU A 195 10.35 -13.08 2.90
C LEU A 195 11.44 -13.28 1.87
N ASN A 196 11.65 -14.51 1.42
CA ASN A 196 12.68 -14.76 0.43
C ASN A 196 12.24 -14.21 -0.91
N ARG A 197 10.93 -14.03 -1.07
CA ARG A 197 10.38 -13.50 -2.31
C ARG A 197 11.01 -12.15 -2.57
N THR A 198 11.23 -11.40 -1.51
CA THR A 198 11.85 -10.09 -1.64
C THR A 198 13.29 -10.32 -2.13
N ARG A 199 13.98 -11.25 -1.46
CA ARG A 199 15.35 -11.60 -1.82
C ARG A 199 15.44 -12.07 -3.26
N GLU A 200 14.47 -12.89 -3.63
CA GLU A 200 14.40 -13.47 -4.97
C GLU A 200 14.11 -12.50 -6.10
N LEU A 201 13.06 -11.71 -5.95
CA LEU A 201 12.62 -10.79 -6.99
C LEU A 201 13.18 -9.37 -7.10
N ALA A 202 14.02 -8.95 -6.16
CA ALA A 202 14.55 -7.59 -6.22
C ALA A 202 15.87 -7.38 -6.99
N PRO A 203 16.81 -8.34 -6.92
CA PRO A 203 18.09 -8.18 -7.64
C PRO A 203 18.02 -7.73 -9.10
N LYS A 204 17.05 -8.27 -9.83
CA LYS A 204 16.90 -7.96 -11.24
C LYS A 204 16.35 -6.55 -11.53
N LEU A 205 15.53 -6.03 -10.62
CA LEU A 205 14.89 -4.74 -10.81
C LEU A 205 15.61 -3.47 -11.27
N GLY A 206 16.93 -3.49 -11.34
CA GLY A 206 17.65 -2.31 -11.82
C GLY A 206 17.27 -0.96 -11.25
N HIS A 207 18.12 0.05 -11.42
CA HIS A 207 17.79 1.34 -10.83
C HIS A 207 16.58 2.01 -11.48
N ASN A 208 16.30 3.22 -11.03
CA ASN A 208 15.13 4.02 -11.46
C ASN A 208 13.84 3.22 -11.20
N VAL A 209 14.01 2.20 -10.37
CA VAL A 209 12.95 1.31 -9.93
C VAL A 209 13.20 1.15 -8.43
N THR A 210 12.33 1.76 -7.63
CA THR A 210 12.42 1.68 -6.19
C THR A 210 11.71 0.43 -5.70
N VAL A 211 12.44 -0.45 -5.02
CA VAL A 211 11.85 -1.68 -4.52
C VAL A 211 11.37 -1.57 -3.09
N ILE A 212 10.09 -1.88 -2.89
CA ILE A 212 9.48 -1.84 -1.57
C ILE A 212 9.08 -3.26 -1.19
N SER A 213 9.57 -3.71 -0.03
CA SER A 213 9.28 -5.05 0.45
C SER A 213 8.05 -4.93 1.34
N GLU A 214 7.00 -5.67 1.00
CA GLU A 214 5.76 -5.58 1.77
C GLU A 214 5.30 -6.86 2.46
N SER A 215 4.79 -6.69 3.68
CA SER A 215 4.22 -7.79 4.48
C SER A 215 5.16 -8.74 5.21
N GLY A 216 4.75 -9.13 6.42
CA GLY A 216 5.53 -10.07 7.20
C GLY A 216 6.70 -9.52 8.00
N ILE A 217 7.05 -8.26 7.81
CA ILE A 217 8.16 -7.69 8.56
C ILE A 217 7.68 -7.56 10.02
N ASN A 218 8.20 -8.41 10.88
CA ASN A 218 7.84 -8.41 12.29
C ASN A 218 8.93 -7.81 13.17
N THR A 219 10.20 -8.05 12.83
CA THR A 219 11.29 -7.55 13.64
C THR A 219 12.25 -6.58 12.95
N TYR A 220 13.14 -6.00 13.75
CA TYR A 220 14.14 -5.06 13.26
C TYR A 220 15.20 -5.84 12.52
N ALA A 221 15.54 -7.01 13.05
CA ALA A 221 16.54 -7.85 12.43
C ALA A 221 16.14 -8.12 10.97
N GLN A 222 14.85 -8.36 10.76
CA GLN A 222 14.34 -8.62 9.41
C GLN A 222 14.45 -7.36 8.57
N VAL A 223 14.22 -6.20 9.18
CA VAL A 223 14.32 -4.92 8.47
C VAL A 223 15.78 -4.79 8.03
N ARG A 224 16.67 -4.90 9.00
CA ARG A 224 18.08 -4.78 8.74
C ARG A 224 18.61 -5.75 7.67
N GLU A 225 18.27 -7.04 7.74
CA GLU A 225 18.80 -7.96 6.73
C GLU A 225 18.22 -7.69 5.35
N LEU A 226 16.91 -7.47 5.29
CA LEU A 226 16.22 -7.21 4.04
C LEU A 226 16.51 -5.83 3.43
N SER A 227 17.16 -4.96 4.18
CA SER A 227 17.48 -3.63 3.68
C SER A 227 18.62 -3.75 2.69
N HIS A 228 19.14 -4.96 2.56
CA HIS A 228 20.21 -5.24 1.64
C HIS A 228 19.63 -5.53 0.27
N PHE A 229 18.34 -5.82 0.24
CA PHE A 229 17.67 -6.15 -1.01
C PHE A 229 16.63 -5.14 -1.49
N ALA A 230 15.94 -4.48 -0.57
CA ALA A 230 14.92 -3.51 -0.95
C ALA A 230 15.27 -2.10 -0.50
N ASN A 231 14.68 -1.11 -1.18
CA ASN A 231 14.89 0.29 -0.89
C ASN A 231 14.04 0.72 0.31
N GLY A 232 12.96 -0.01 0.54
CA GLY A 232 12.08 0.33 1.64
C GLY A 232 11.16 -0.80 2.03
N PHE A 233 10.36 -0.53 3.06
CA PHE A 233 9.42 -1.49 3.62
C PHE A 233 8.06 -0.88 3.86
N LEU A 234 7.05 -1.73 3.76
CA LEU A 234 5.68 -1.32 4.02
C LEU A 234 5.30 -2.24 5.17
N ILE A 235 5.14 -1.65 6.35
CA ILE A 235 4.85 -2.39 7.57
C ILE A 235 3.50 -2.01 8.15
N GLY A 236 2.66 -3.02 8.40
CA GLY A 236 1.35 -2.79 8.96
C GLY A 236 1.18 -3.34 10.38
N SER A 237 0.92 -4.64 10.48
CA SER A 237 0.69 -5.34 11.75
C SER A 237 1.75 -5.22 12.86
N ALA A 238 3.03 -5.30 12.50
CA ALA A 238 4.10 -5.22 13.49
C ALA A 238 3.95 -3.96 14.34
N LEU A 239 3.26 -2.97 13.78
CA LEU A 239 2.98 -1.70 14.45
C LEU A 239 1.55 -1.58 15.03
N MET A 240 0.55 -1.84 14.19
CA MET A 240 -0.87 -1.76 14.56
C MET A 240 -1.26 -2.72 15.71
N ALA A 241 -0.45 -3.75 15.93
CA ALA A 241 -0.74 -4.73 16.97
C ALA A 241 -0.31 -4.26 18.36
N HIS A 242 0.21 -3.04 18.45
CA HIS A 242 0.64 -2.55 19.76
C HIS A 242 -0.04 -1.25 20.16
N ASP A 243 -0.39 -1.18 21.43
CA ASP A 243 -1.04 0.00 21.99
C ASP A 243 -0.09 1.19 21.95
N ASP A 244 1.05 1.07 22.63
CA ASP A 244 2.02 2.15 22.62
C ASP A 244 2.59 2.11 21.21
N LEU A 245 1.99 2.88 20.32
CA LEU A 245 2.42 2.90 18.93
C LEU A 245 3.81 3.50 18.71
N HIS A 246 4.22 4.46 19.54
CA HIS A 246 5.53 5.08 19.39
C HIS A 246 6.64 4.11 19.80
N ALA A 247 6.40 3.38 20.89
CA ALA A 247 7.36 2.42 21.39
C ALA A 247 7.53 1.30 20.35
N ALA A 248 6.46 1.03 19.61
CA ALA A 248 6.49 -0.02 18.59
C ALA A 248 7.38 0.37 17.42
N VAL A 249 7.33 1.65 17.04
CA VAL A 249 8.13 2.13 15.93
C VAL A 249 9.60 2.15 16.31
N ARG A 250 9.86 2.39 17.59
CA ARG A 250 11.23 2.41 18.07
C ARG A 250 11.83 1.00 18.04
N ARG A 251 11.07 0.00 18.47
CA ARG A 251 11.54 -1.38 18.48
C ARG A 251 11.76 -1.97 17.07
N VAL A 252 10.72 -1.88 16.25
CA VAL A 252 10.71 -2.44 14.90
C VAL A 252 11.44 -1.69 13.81
N LEU A 253 11.32 -0.37 13.80
CA LEU A 253 12.00 0.41 12.77
C LEU A 253 13.39 0.87 13.20
N LEU A 254 13.55 1.20 14.46
CA LEU A 254 14.84 1.69 14.93
C LEU A 254 15.70 0.68 15.66
N GLY A 255 15.17 -0.51 15.92
CA GLY A 255 15.94 -1.50 16.64
C GLY A 255 16.32 -0.84 17.95
N GLU A 256 15.42 0.00 18.43
CA GLU A 256 15.61 0.73 19.66
C GLU A 256 15.08 -0.05 20.85
N ASN A 257 14.75 0.66 21.93
CA ASN A 257 14.28 0.03 23.16
C ASN A 257 15.22 -1.14 23.45
N LYS A 258 16.42 -1.05 22.87
CA LYS A 258 17.45 -2.05 22.99
C LYS A 258 16.79 -3.42 22.89
N VAL A 259 15.87 -3.53 21.92
CA VAL A 259 15.10 -4.73 21.62
C VAL A 259 13.77 -4.77 22.39
#